data_5JID
#
_entry.id   5JID
#
_cell.length_a   42.653
_cell.length_b   85.674
_cell.length_c   63.420
_cell.angle_alpha   90.00
_cell.angle_beta   90.00
_cell.angle_gamma   90.00
#
_symmetry.space_group_name_H-M   'P 21 21 2'
#
loop_
_entity.id
_entity.type
_entity.pdbx_description
1 polymer Transthyretin
2 non-polymer 'pentadecafluorooctanoic acid'
3 non-polymer 'SODIUM ION'
4 water water
#
_entity_poly.entity_id   1
_entity_poly.type   'polypeptide(L)'
_entity_poly.pdbx_seq_one_letter_code
;GPTGTGESKCPLMVKVLDAVRGSPAINVAVHVFRKAADDTWEPFASGKTSESGELHGLTTEEEFVEGIYKVEIDTKSYWK
ALGISPFHEHAEVVFTANDSGPRRYTIAALLSPYSYSTTAVVTNPKE
;
_entity_poly.pdbx_strand_id   A,B
#
loop_
_chem_comp.id
_chem_comp.type
_chem_comp.name
_chem_comp.formula
8PF non-polymer 'pentadecafluorooctanoic acid' 'C8 H F15 O2'
NA non-polymer 'SODIUM ION' 'Na 1'
#
# COMPACT_ATOMS: atom_id res chain seq x y z
N CYS A 10 -13.56 17.40 9.49
CA CYS A 10 -13.35 16.06 8.94
C CYS A 10 -11.86 15.74 8.93
N PRO A 11 -11.36 15.02 9.95
CA PRO A 11 -9.92 14.81 10.04
C PRO A 11 -9.36 13.79 9.04
N LEU A 12 -10.21 12.93 8.47
CA LEU A 12 -9.77 11.86 7.57
C LEU A 12 -10.77 11.68 6.44
N MET A 13 -10.28 11.82 5.21
CA MET A 13 -11.10 11.58 4.02
C MET A 13 -10.31 10.68 3.09
N VAL A 14 -11.01 9.81 2.38
CA VAL A 14 -10.43 8.90 1.41
C VAL A 14 -11.06 9.20 0.07
N LYS A 15 -10.24 9.30 -0.97
CA LYS A 15 -10.71 9.52 -2.34
C LYS A 15 -10.08 8.49 -3.26
N VAL A 16 -10.90 7.88 -4.11
CA VAL A 16 -10.44 6.80 -4.98
C VAL A 16 -10.88 7.08 -6.41
N LEU A 17 -9.92 6.96 -7.33
CA LEU A 17 -10.14 7.18 -8.76
C LEU A 17 -9.79 5.94 -9.55
N ASP A 18 -10.37 5.84 -10.74
CA ASP A 18 -10.23 4.71 -11.65
C ASP A 18 -9.50 5.18 -12.91
N ALA A 19 -8.30 4.63 -13.14
CA ALA A 19 -7.44 5.03 -14.27
C ALA A 19 -7.81 4.34 -15.59
N VAL A 20 -8.69 3.34 -15.55
CA VAL A 20 -9.14 2.63 -16.75
C VAL A 20 -10.31 3.37 -17.38
N ARG A 21 -11.23 3.82 -16.54
CA ARG A 21 -12.44 4.48 -17.00
C ARG A 21 -12.36 6.01 -16.95
N GLY A 22 -11.36 6.56 -16.24
CA GLY A 22 -11.25 8.01 -16.08
C GLY A 22 -12.41 8.55 -15.27
N SER A 23 -12.64 7.97 -14.10
CA SER A 23 -13.83 8.25 -13.34
C SER A 23 -13.52 8.10 -11.87
N PRO A 24 -14.36 8.68 -11.02
N PRO A 24 -14.38 8.65 -11.01
CA PRO A 24 -14.27 8.24 -9.62
CA PRO A 24 -14.31 8.25 -9.60
C PRO A 24 -14.46 6.74 -9.54
C PRO A 24 -14.56 6.76 -9.46
N ALA A 25 -13.93 6.12 -8.49
CA ALA A 25 -14.18 4.71 -8.21
C ALA A 25 -15.31 4.69 -7.18
N ILE A 26 -16.50 4.31 -7.65
CA ILE A 26 -17.73 4.42 -6.89
C ILE A 26 -18.03 3.09 -6.19
N ASN A 27 -18.56 3.19 -4.98
N ASN A 27 -18.57 3.19 -4.98
CA ASN A 27 -18.99 2.01 -4.24
CA ASN A 27 -18.98 2.02 -4.19
C ASN A 27 -17.82 1.04 -3.98
C ASN A 27 -17.86 1.06 -3.80
N VAL A 28 -16.67 1.61 -3.65
CA VAL A 28 -15.52 0.83 -3.21
C VAL A 28 -15.55 0.73 -1.69
N ALA A 29 -15.42 -0.47 -1.15
CA ALA A 29 -15.37 -0.65 0.30
C ALA A 29 -14.01 -0.23 0.81
N VAL A 30 -14.03 0.53 1.90
CA VAL A 30 -12.82 1.04 2.55
C VAL A 30 -12.93 0.71 4.03
N HIS A 31 -11.90 0.07 4.58
CA HIS A 31 -11.82 -0.23 6.00
C HIS A 31 -10.62 0.45 6.60
N VAL A 32 -10.82 1.12 7.74
CA VAL A 32 -9.74 1.74 8.48
C VAL A 32 -9.55 0.99 9.79
N PHE A 33 -8.29 0.72 10.11
CA PHE A 33 -7.89 0.03 11.33
C PHE A 33 -6.91 0.90 12.08
N ARG A 34 -6.87 0.72 13.40
CA ARG A 34 -5.88 1.38 14.24
C ARG A 34 -5.05 0.30 14.92
N LYS A 35 -3.74 0.49 14.95
CA LYS A 35 -2.87 -0.51 15.55
C LYS A 35 -3.00 -0.47 17.07
N ALA A 36 -3.24 -1.64 17.64
CA ALA A 36 -3.42 -1.80 19.08
C ALA A 36 -2.09 -2.08 19.78
N ALA A 37 -2.11 -2.08 21.11
CA ALA A 37 -0.89 -2.20 21.89
C ALA A 37 -0.19 -3.54 21.66
N ASP A 38 -0.97 -4.57 21.33
CA ASP A 38 -0.40 -5.90 21.06
C ASP A 38 -0.05 -6.07 19.57
N ASP A 39 -0.01 -4.95 18.84
CA ASP A 39 0.38 -4.92 17.42
C ASP A 39 -0.65 -5.50 16.45
N THR A 40 -1.84 -5.83 16.95
CA THR A 40 -2.91 -6.28 16.06
C THR A 40 -3.63 -5.06 15.50
N TRP A 41 -4.39 -5.27 14.42
CA TRP A 41 -5.15 -4.20 13.78
C TRP A 41 -6.59 -4.24 14.23
N GLU A 42 -7.02 -3.19 14.92
CA GLU A 42 -8.38 -3.13 15.42
C GLU A 42 -9.27 -2.30 14.51
N PRO A 43 -10.45 -2.82 14.15
CA PRO A 43 -11.36 -2.01 13.33
C PRO A 43 -11.62 -0.65 13.94
N PHE A 44 -11.62 0.36 13.10
CA PHE A 44 -11.72 1.76 13.51
C PHE A 44 -12.90 2.48 12.83
N ALA A 45 -13.02 2.35 11.52
CA ALA A 45 -14.11 2.97 10.75
C ALA A 45 -14.16 2.33 9.38
N SER A 46 -15.29 2.42 8.70
CA SER A 46 -15.38 1.89 7.34
C SER A 46 -16.55 2.51 6.61
N GLY A 47 -16.59 2.29 5.30
CA GLY A 47 -17.68 2.82 4.48
C GLY A 47 -17.45 2.43 3.04
N LYS A 48 -18.28 2.98 2.16
CA LYS A 48 -18.16 2.80 0.72
C LYS A 48 -18.01 4.16 0.08
N THR A 49 -17.17 4.27 -0.93
CA THR A 49 -17.02 5.55 -1.63
C THR A 49 -18.33 5.93 -2.33
N SER A 50 -18.55 7.23 -2.38
CA SER A 50 -19.74 7.82 -3.00
C SER A 50 -19.59 7.91 -4.51
N GLU A 51 -20.58 8.52 -5.16
N GLU A 51 -20.59 8.51 -5.16
CA GLU A 51 -20.56 8.73 -6.60
CA GLU A 51 -20.56 8.74 -6.60
C GLU A 51 -19.46 9.69 -7.07
C GLU A 51 -19.33 9.55 -7.04
N SER A 52 -18.83 10.37 -6.11
CA SER A 52 -17.67 11.22 -6.40
C SER A 52 -16.35 10.53 -6.05
N GLY A 53 -16.41 9.27 -5.63
CA GLY A 53 -15.21 8.54 -5.26
C GLY A 53 -14.71 8.84 -3.86
N GLU A 54 -15.50 9.57 -3.08
CA GLU A 54 -15.05 10.07 -1.78
C GLU A 54 -15.75 9.34 -0.65
N LEU A 55 -15.06 9.25 0.48
CA LEU A 55 -15.64 8.69 1.68
C LEU A 55 -15.33 9.65 2.79
N HIS A 56 -16.39 10.31 3.26
CA HIS A 56 -16.35 11.31 4.32
C HIS A 56 -16.98 10.71 5.57
N GLY A 57 -16.77 11.36 6.71
CA GLY A 57 -17.46 11.00 7.92
C GLY A 57 -16.92 9.76 8.61
N LEU A 58 -15.70 9.37 8.28
CA LEU A 58 -15.13 8.18 8.90
C LEU A 58 -14.92 8.36 10.39
N THR A 59 -14.47 9.54 10.82
CA THR A 59 -14.14 9.73 12.20
C THR A 59 -14.34 11.17 12.61
N THR A 60 -14.03 11.46 13.86
CA THR A 60 -14.16 12.81 14.41
C THR A 60 -12.83 13.19 14.99
N GLU A 61 -12.63 14.48 15.23
CA GLU A 61 -11.39 14.94 15.84
C GLU A 61 -11.15 14.24 17.17
N GLU A 62 -12.20 14.10 17.99
CA GLU A 62 -12.02 13.49 19.30
C GLU A 62 -11.53 12.04 19.20
N GLU A 63 -12.05 11.30 18.23
CA GLU A 63 -11.73 9.88 18.10
C GLU A 63 -10.37 9.62 17.42
N PHE A 64 -9.93 10.53 16.56
CA PHE A 64 -8.76 10.30 15.72
C PHE A 64 -7.45 10.76 16.36
N VAL A 65 -7.04 10.03 17.38
CA VAL A 65 -5.84 10.33 18.14
C VAL A 65 -4.59 9.84 17.42
N GLU A 66 -3.43 10.31 17.86
CA GLU A 66 -2.17 9.84 17.30
C GLU A 66 -2.07 8.35 17.39
N GLY A 67 -1.44 7.77 16.39
CA GLY A 67 -1.25 6.33 16.35
C GLY A 67 -1.01 5.88 14.92
N ILE A 68 -0.89 4.58 14.72
CA ILE A 68 -0.69 4.02 13.38
C ILE A 68 -2.02 3.52 12.89
N TYR A 69 -2.36 3.92 11.67
CA TYR A 69 -3.61 3.55 11.03
C TYR A 69 -3.34 2.86 9.72
N LYS A 70 -4.26 1.98 9.34
CA LYS A 70 -4.21 1.29 8.06
C LYS A 70 -5.54 1.51 7.37
N VAL A 71 -5.47 1.99 6.14
CA VAL A 71 -6.63 2.12 5.28
C VAL A 71 -6.55 1.00 4.24
N GLU A 72 -7.56 0.14 4.20
N GLU A 72 -7.52 0.09 4.25
CA GLU A 72 -7.61 -0.96 3.26
CA GLU A 72 -7.60 -0.98 3.25
C GLU A 72 -8.73 -0.73 2.26
C GLU A 72 -8.69 -0.60 2.26
N ILE A 73 -8.36 -0.62 0.97
CA ILE A 73 -9.30 -0.31 -0.10
C ILE A 73 -9.54 -1.62 -0.85
N ASP A 74 -10.79 -2.04 -0.95
N ASP A 74 -10.79 -2.07 -0.90
CA ASP A 74 -11.08 -3.35 -1.49
CA ASP A 74 -11.11 -3.37 -1.54
C ASP A 74 -11.16 -3.34 -3.02
C ASP A 74 -11.18 -3.22 -3.04
N THR A 75 -10.00 -3.18 -3.63
CA THR A 75 -9.87 -3.03 -5.06
C THR A 75 -10.29 -4.25 -5.85
N LYS A 76 -10.07 -5.44 -5.32
CA LYS A 76 -10.39 -6.64 -6.05
C LYS A 76 -11.88 -6.71 -6.34
N SER A 77 -12.71 -6.44 -5.33
CA SER A 77 -14.16 -6.48 -5.54
C SER A 77 -14.62 -5.41 -6.50
N TYR A 78 -13.97 -4.25 -6.44
CA TYR A 78 -14.27 -3.15 -7.35
C TYR A 78 -14.08 -3.59 -8.81
N TRP A 79 -12.90 -4.14 -9.13
CA TRP A 79 -12.61 -4.58 -10.49
C TRP A 79 -13.52 -5.71 -10.93
N LYS A 80 -13.80 -6.65 -10.03
CA LYS A 80 -14.68 -7.75 -10.39
C LYS A 80 -16.10 -7.28 -10.73
N ALA A 81 -16.59 -6.24 -10.04
CA ALA A 81 -17.96 -5.78 -10.29
C ALA A 81 -18.03 -5.10 -11.66
N LEU A 82 -16.88 -4.66 -12.17
CA LEU A 82 -16.79 -4.07 -13.51
C LEU A 82 -16.41 -5.09 -14.58
N GLY A 83 -16.21 -6.35 -14.18
CA GLY A 83 -15.87 -7.37 -15.15
C GLY A 83 -14.41 -7.40 -15.55
N ILE A 84 -13.53 -6.86 -14.70
CA ILE A 84 -12.11 -6.72 -15.02
C ILE A 84 -11.30 -7.58 -14.08
N SER A 85 -10.32 -8.28 -14.65
CA SER A 85 -9.41 -9.10 -13.87
C SER A 85 -8.28 -8.26 -13.21
N PRO A 86 -8.22 -8.26 -11.89
CA PRO A 86 -7.24 -7.47 -11.14
C PRO A 86 -6.11 -8.28 -10.55
N PHE A 87 -5.00 -7.61 -10.26
CA PHE A 87 -3.87 -8.23 -9.63
C PHE A 87 -3.94 -8.29 -8.10
N HIS A 88 -4.23 -7.17 -7.48
CA HIS A 88 -4.11 -7.05 -6.03
C HIS A 88 -5.32 -7.61 -5.33
N GLU A 89 -5.13 -8.10 -4.11
CA GLU A 89 -6.25 -8.40 -3.22
C GLU A 89 -6.94 -7.13 -2.75
N HIS A 90 -6.14 -6.15 -2.40
CA HIS A 90 -6.64 -4.88 -1.91
C HIS A 90 -5.47 -3.95 -1.95
N ALA A 91 -5.72 -2.65 -1.74
CA ALA A 91 -4.66 -1.69 -1.61
C ALA A 91 -4.63 -1.25 -0.16
N GLU A 92 -3.45 -1.04 0.36
CA GLU A 92 -3.30 -0.65 1.75
C GLU A 92 -2.56 0.67 1.81
N VAL A 93 -2.92 1.47 2.80
CA VAL A 93 -2.17 2.66 3.10
C VAL A 93 -1.97 2.69 4.60
N VAL A 94 -0.73 2.61 5.04
CA VAL A 94 -0.39 2.54 6.47
C VAL A 94 0.44 3.74 6.84
N PHE A 95 0.02 4.48 7.87
CA PHE A 95 0.65 5.75 8.22
C PHE A 95 0.46 6.07 9.69
N THR A 96 1.29 6.97 10.21
CA THR A 96 1.13 7.47 11.58
C THR A 96 0.44 8.82 11.55
N ALA A 97 -0.61 8.98 12.34
CA ALA A 97 -1.20 10.29 12.60
C ALA A 97 -0.36 11.01 13.64
N ASN A 98 0.02 12.25 13.35
N ASN A 98 0.07 12.23 13.32
CA ASN A 98 0.93 13.02 14.16
CA ASN A 98 0.82 13.08 14.23
C ASN A 98 0.36 14.40 14.40
C ASN A 98 0.05 14.38 14.50
N ASP A 99 0.12 14.75 15.67
N ASP A 99 0.17 14.90 15.70
CA ASP A 99 -0.55 15.99 16.03
CA ASP A 99 -0.68 16.01 16.10
C ASP A 99 0.27 17.24 15.65
C ASP A 99 -0.15 17.38 15.75
N SER A 100 1.58 17.08 15.52
N SER A 100 1.02 17.50 15.17
CA SER A 100 2.45 18.18 15.09
CA SER A 100 1.77 18.72 15.37
C SER A 100 2.16 18.69 13.67
C SER A 100 1.06 19.81 14.56
N GLY A 101 1.81 17.78 12.76
N GLY A 101 0.28 20.62 15.27
CA GLY A 101 1.53 18.08 11.36
CA GLY A 101 -0.64 21.56 14.64
C GLY A 101 0.14 18.66 11.12
C GLY A 101 -1.97 20.93 14.26
N PRO A 102 -0.16 19.10 9.90
N PRO A 102 -2.95 21.76 13.93
CA PRO A 102 -1.50 19.67 9.65
CA PRO A 102 -4.21 21.29 13.34
C PRO A 102 -2.59 18.71 10.13
C PRO A 102 -3.96 20.52 12.04
N ARG A 103 -3.80 19.24 10.31
N ARG A 103 -4.63 19.38 11.86
CA ARG A 103 -4.83 18.52 11.05
CA ARG A 103 -4.33 18.49 10.73
C ARG A 103 -5.87 17.85 10.19
C ARG A 103 -5.53 17.70 10.15
N ARG A 104 -5.78 17.96 8.87
CA ARG A 104 -6.72 17.22 8.03
C ARG A 104 -5.95 16.32 7.07
N TYR A 105 -6.32 15.05 7.02
CA TYR A 105 -5.66 14.07 6.15
C TYR A 105 -6.59 13.63 5.04
N THR A 106 -6.13 13.75 3.79
CA THR A 106 -6.79 13.14 2.66
C THR A 106 -5.87 12.07 2.12
N ILE A 107 -6.39 10.86 2.06
CA ILE A 107 -5.70 9.72 1.47
C ILE A 107 -6.31 9.49 0.11
N ALA A 108 -5.52 9.66 -0.94
CA ALA A 108 -6.03 9.49 -2.31
C ALA A 108 -5.37 8.30 -2.95
N ALA A 109 -6.13 7.57 -3.76
CA ALA A 109 -5.61 6.41 -4.48
C ALA A 109 -6.15 6.41 -5.90
N LEU A 110 -5.27 6.04 -6.83
CA LEU A 110 -5.58 5.90 -8.23
C LEU A 110 -5.38 4.44 -8.62
N LEU A 111 -6.45 3.80 -9.08
CA LEU A 111 -6.45 2.36 -9.34
C LEU A 111 -6.34 1.99 -10.80
N SER A 112 -5.47 1.03 -11.08
CA SER A 112 -5.43 0.31 -12.35
C SER A 112 -5.41 -1.19 -12.03
N PRO A 113 -5.65 -2.04 -13.03
CA PRO A 113 -5.73 -3.47 -12.70
C PRO A 113 -4.45 -4.04 -12.09
N TYR A 114 -3.28 -3.63 -12.55
CA TYR A 114 -2.01 -4.14 -12.07
C TYR A 114 -1.19 -3.11 -11.34
N SER A 115 -1.78 -1.96 -11.00
N SER A 115 -1.76 -1.93 -11.06
N SER A 115 -1.78 -1.96 -11.00
CA SER A 115 -1.02 -0.89 -10.37
CA SER A 115 -0.99 -0.86 -10.41
CA SER A 115 -1.03 -0.88 -10.39
C SER A 115 -1.89 0.02 -9.55
C SER A 115 -1.89 0.00 -9.54
C SER A 115 -1.91 -0.10 -9.44
N TYR A 116 -1.30 0.65 -8.54
CA TYR A 116 -1.98 1.72 -7.85
C TYR A 116 -0.95 2.75 -7.40
N SER A 117 -1.42 3.97 -7.31
CA SER A 117 -0.67 5.10 -6.77
C SER A 117 -1.45 5.65 -5.61
N THR A 118 -0.75 6.10 -4.59
CA THR A 118 -1.42 6.72 -3.47
C THR A 118 -0.60 7.91 -2.98
N THR A 119 -1.30 8.94 -2.51
CA THR A 119 -0.64 10.09 -1.94
C THR A 119 -1.44 10.57 -0.73
N ALA A 120 -0.79 11.37 0.07
CA ALA A 120 -1.43 12.01 1.22
C ALA A 120 -1.36 13.51 1.05
N VAL A 121 -2.48 14.15 1.33
CA VAL A 121 -2.56 15.60 1.35
C VAL A 121 -2.94 15.94 2.77
N VAL A 122 -2.02 16.60 3.47
CA VAL A 122 -2.19 16.91 4.88
C VAL A 122 -2.16 18.43 5.01
N THR A 123 -3.28 19.00 5.45
CA THR A 123 -3.46 20.44 5.46
C THR A 123 -4.10 20.92 6.74
N ASN A 124 -4.06 22.24 6.91
N ASN A 124 -4.14 22.25 6.88
CA ASN A 124 -4.73 22.90 8.04
CA ASN A 124 -4.67 22.92 8.07
C ASN A 124 -5.87 23.76 7.53
C ASN A 124 -5.76 23.91 7.66
N PRO A 125 -6.94 23.87 8.32
CA PRO A 125 -7.98 24.85 7.96
C PRO A 125 -7.51 26.30 8.08
N CYS B 10 13.87 -15.39 -12.33
CA CYS B 10 13.61 -15.25 -10.90
C CYS B 10 12.09 -15.26 -10.67
N PRO B 11 11.60 -16.07 -9.72
CA PRO B 11 10.14 -16.10 -9.60
C PRO B 11 9.53 -14.84 -8.99
N LEU B 12 10.31 -14.14 -8.17
CA LEU B 12 9.84 -12.95 -7.48
C LEU B 12 11.00 -11.99 -7.36
N MET B 13 10.85 -10.80 -7.94
CA MET B 13 11.87 -9.77 -7.86
C MET B 13 11.17 -8.47 -7.46
N VAL B 14 11.88 -7.65 -6.70
CA VAL B 14 11.36 -6.36 -6.25
C VAL B 14 12.34 -5.29 -6.70
N LYS B 15 11.81 -4.22 -7.29
N LYS B 15 11.80 -4.20 -7.24
CA LYS B 15 12.64 -3.09 -7.69
CA LYS B 15 12.61 -3.08 -7.74
C LYS B 15 12.05 -1.83 -7.06
C LYS B 15 12.05 -1.77 -7.18
N VAL B 16 12.90 -0.95 -6.58
CA VAL B 16 12.44 0.26 -5.91
C VAL B 16 13.28 1.45 -6.40
N LEU B 17 12.56 2.53 -6.77
CA LEU B 17 13.18 3.77 -7.23
C LEU B 17 12.78 4.93 -6.32
N ASP B 18 13.63 5.95 -6.30
CA ASP B 18 13.46 7.15 -5.48
C ASP B 18 13.15 8.34 -6.41
N ALA B 19 11.95 8.89 -6.24
CA ALA B 19 11.44 9.98 -7.08
C ALA B 19 11.99 11.36 -6.69
N VAL B 20 12.62 11.46 -5.54
CA VAL B 20 13.25 12.72 -5.13
C VAL B 20 14.64 12.85 -5.74
N ARG B 21 15.39 11.75 -5.75
CA ARG B 21 16.77 11.75 -6.22
C ARG B 21 16.91 11.35 -7.67
N GLY B 22 15.90 10.69 -8.25
CA GLY B 22 16.03 10.14 -9.59
C GLY B 22 17.05 9.05 -9.64
N SER B 23 16.91 8.10 -8.73
N SER B 23 16.96 8.13 -8.70
CA SER B 23 17.90 7.06 -8.56
CA SER B 23 17.97 7.09 -8.49
C SER B 23 17.21 5.79 -8.14
C SER B 23 17.32 5.82 -8.00
N PRO B 24 17.92 4.66 -8.23
N PRO B 24 18.00 4.67 -8.16
CA PRO B 24 17.45 3.51 -7.46
CA PRO B 24 17.52 3.48 -7.45
C PRO B 24 17.36 3.85 -5.98
C PRO B 24 17.47 3.72 -5.94
N ALA B 25 16.48 3.15 -5.28
CA ALA B 25 16.37 3.24 -3.83
C ALA B 25 17.18 2.07 -3.26
N ILE B 26 18.34 2.40 -2.71
CA ILE B 26 19.31 1.40 -2.29
C ILE B 26 19.12 1.05 -0.81
N ASN B 27 19.40 -0.19 -0.44
N ASN B 27 19.34 -0.22 -0.52
CA ASN B 27 19.31 -0.58 0.98
CA ASN B 27 19.32 -0.74 0.85
C ASN B 27 17.90 -0.41 1.53
C ASN B 27 17.96 -0.64 1.52
N VAL B 28 16.91 -0.74 0.73
CA VAL B 28 15.54 -0.77 1.22
C VAL B 28 15.24 -2.18 1.70
N ALA B 29 14.77 -2.30 2.93
CA ALA B 29 14.38 -3.61 3.48
C ALA B 29 13.01 -4.00 2.93
N VAL B 30 12.88 -5.26 2.57
CA VAL B 30 11.66 -5.83 2.03
C VAL B 30 11.35 -7.14 2.75
N HIS B 31 10.12 -7.25 3.25
CA HIS B 31 9.64 -8.48 3.92
C HIS B 31 8.46 -9.04 3.16
N VAL B 32 8.52 -10.33 2.83
CA VAL B 32 7.43 -11.02 2.15
C VAL B 32 6.79 -11.97 3.14
N PHE B 33 5.46 -11.95 3.16
CA PHE B 33 4.65 -12.84 3.99
C PHE B 33 3.70 -13.64 3.09
N ARG B 34 3.27 -14.79 3.58
CA ARG B 34 2.31 -15.62 2.88
C ARG B 34 1.19 -15.97 3.85
N LYS B 35 -0.05 -15.81 3.42
CA LYS B 35 -1.18 -16.12 4.29
C LYS B 35 -1.27 -17.62 4.55
N ALA B 36 -1.33 -17.98 5.83
CA ALA B 36 -1.40 -19.37 6.27
C ALA B 36 -2.82 -19.84 6.30
N ALA B 37 -3.02 -21.13 6.53
N ALA B 37 -3.01 -21.13 6.57
CA ALA B 37 -4.34 -21.71 6.59
CA ALA B 37 -4.33 -21.75 6.60
C ALA B 37 -5.20 -20.99 7.63
C ALA B 37 -5.19 -21.24 7.75
N ASP B 38 -4.58 -20.58 8.72
CA ASP B 38 -5.31 -19.95 9.83
C ASP B 38 -5.48 -18.45 9.63
N ASP B 39 -5.16 -17.98 8.42
CA ASP B 39 -5.34 -16.59 8.00
C ASP B 39 -4.37 -15.58 8.62
N THR B 40 -3.32 -16.08 9.27
CA THR B 40 -2.25 -15.21 9.75
C THR B 40 -1.20 -15.05 8.64
N TRP B 41 -0.38 -14.02 8.77
CA TRP B 41 0.67 -13.73 7.80
C TRP B 41 1.97 -14.35 8.23
N GLU B 42 2.36 -15.45 7.58
N GLU B 42 2.36 -15.44 7.56
CA GLU B 42 3.59 -16.13 7.97
CA GLU B 42 3.58 -16.17 7.90
C GLU B 42 4.77 -15.53 7.23
C GLU B 42 4.78 -15.52 7.20
N PRO B 43 5.89 -15.33 7.93
CA PRO B 43 7.08 -14.83 7.23
C PRO B 43 7.50 -15.80 6.15
N PHE B 44 7.79 -15.27 4.96
CA PHE B 44 8.12 -16.09 3.80
C PHE B 44 9.55 -15.85 3.31
N ALA B 45 9.95 -14.59 3.16
CA ALA B 45 11.32 -14.29 2.74
C ALA B 45 11.56 -12.82 3.03
N SER B 46 12.83 -12.42 3.09
CA SER B 46 13.15 -11.00 3.23
C SER B 46 14.52 -10.72 2.65
N GLY B 47 14.81 -9.44 2.42
CA GLY B 47 16.09 -9.04 1.90
C GLY B 47 16.16 -7.54 1.79
N LYS B 48 17.16 -7.03 1.10
N LYS B 48 17.21 -7.05 1.14
CA LYS B 48 17.20 -5.60 0.87
CA LYS B 48 17.48 -5.62 0.96
C LYS B 48 17.73 -5.30 -0.50
C LYS B 48 17.73 -5.33 -0.52
N THR B 49 17.29 -4.16 -1.02
CA THR B 49 17.63 -3.81 -2.39
C THR B 49 19.12 -3.47 -2.49
N SER B 50 19.67 -3.80 -3.65
CA SER B 50 21.05 -3.56 -4.00
C SER B 50 21.27 -2.13 -4.49
N GLU B 51 22.49 -1.87 -4.97
CA GLU B 51 22.82 -0.56 -5.54
C GLU B 51 22.01 -0.22 -6.78
N SER B 52 21.44 -1.22 -7.43
CA SER B 52 20.59 -0.99 -8.58
C SER B 52 19.12 -0.84 -8.21
N GLY B 53 18.81 -0.91 -6.92
CA GLY B 53 17.44 -0.84 -6.47
C GLY B 53 16.69 -2.16 -6.56
N GLU B 54 17.41 -3.26 -6.84
CA GLU B 54 16.78 -4.53 -7.12
C GLU B 54 17.04 -5.52 -6.00
N LEU B 55 16.07 -6.39 -5.78
CA LEU B 55 16.20 -7.45 -4.81
C LEU B 55 15.83 -8.73 -5.49
N HIS B 56 16.86 -9.57 -5.64
CA HIS B 56 16.76 -10.88 -6.27
C HIS B 56 16.97 -11.95 -5.19
N GLY B 57 16.60 -13.17 -5.52
CA GLY B 57 16.92 -14.29 -4.64
C GLY B 57 15.99 -14.47 -3.46
N LEU B 58 14.83 -13.83 -3.46
CA LEU B 58 13.92 -13.99 -2.33
C LEU B 58 13.44 -15.42 -2.17
N THR B 59 13.15 -16.09 -3.28
CA THR B 59 12.59 -17.42 -3.19
C THR B 59 12.96 -18.28 -4.39
N THR B 60 12.38 -19.47 -4.44
CA THR B 60 12.68 -20.45 -5.49
C THR B 60 11.35 -20.88 -6.09
N GLU B 61 11.40 -21.47 -7.27
CA GLU B 61 10.18 -21.99 -7.89
C GLU B 61 9.50 -23.04 -7.00
N GLU B 62 10.28 -23.91 -6.36
CA GLU B 62 9.70 -24.91 -5.47
C GLU B 62 8.98 -24.30 -4.29
N GLU B 63 9.60 -23.30 -3.66
CA GLU B 63 9.03 -22.77 -2.44
C GLU B 63 7.91 -21.80 -2.70
N PHE B 64 7.90 -21.17 -3.88
CA PHE B 64 6.93 -20.12 -4.20
C PHE B 64 5.67 -20.77 -4.76
N VAL B 65 4.94 -21.41 -3.87
CA VAL B 65 3.71 -22.12 -4.22
C VAL B 65 2.56 -21.12 -4.37
N GLU B 66 1.40 -21.62 -4.79
CA GLU B 66 0.18 -20.83 -4.76
C GLU B 66 -0.02 -20.23 -3.38
N GLY B 67 -0.56 -19.03 -3.33
CA GLY B 67 -0.97 -18.46 -2.07
C GLY B 67 -1.26 -16.99 -2.22
N ILE B 68 -1.65 -16.36 -1.12
CA ILE B 68 -1.79 -14.92 -1.04
C ILE B 68 -0.54 -14.39 -0.36
N TYR B 69 0.17 -13.51 -1.04
CA TYR B 69 1.44 -12.97 -0.59
C TYR B 69 1.32 -11.48 -0.34
N LYS B 70 2.10 -11.01 0.63
CA LYS B 70 2.21 -9.60 0.97
C LYS B 70 3.67 -9.23 0.88
N VAL B 71 3.99 -8.30 -0.01
CA VAL B 71 5.33 -7.73 -0.09
C VAL B 71 5.31 -6.38 0.60
N GLU B 72 6.02 -6.29 1.73
CA GLU B 72 6.09 -5.08 2.54
C GLU B 72 7.44 -4.42 2.30
N ILE B 73 7.42 -3.19 1.79
CA ILE B 73 8.63 -2.43 1.47
C ILE B 73 8.77 -1.38 2.56
N ASP B 74 9.90 -1.41 3.27
CA ASP B 74 10.05 -0.58 4.45
C ASP B 74 10.49 0.84 4.11
N THR B 75 9.54 1.58 3.57
CA THR B 75 9.79 2.91 3.07
C THR B 75 10.13 3.89 4.19
N LYS B 76 9.50 3.78 5.35
CA LYS B 76 9.80 4.73 6.41
C LYS B 76 11.26 4.59 6.87
N SER B 77 11.71 3.35 7.00
CA SER B 77 13.08 3.09 7.41
C SER B 77 14.06 3.66 6.36
N TYR B 78 13.71 3.56 5.08
CA TYR B 78 14.52 4.11 4.00
C TYR B 78 14.65 5.62 4.10
N TRP B 79 13.53 6.32 4.19
CA TRP B 79 13.53 7.77 4.27
C TRP B 79 14.23 8.24 5.54
N LYS B 80 13.95 7.60 6.66
CA LYS B 80 14.56 8.02 7.92
C LYS B 80 16.08 7.85 7.89
N ALA B 81 16.58 6.83 7.20
CA ALA B 81 18.04 6.65 7.08
C ALA B 81 18.66 7.76 6.27
N LEU B 82 17.85 8.40 5.42
CA LEU B 82 18.29 9.55 4.63
C LEU B 82 18.00 10.86 5.35
N GLY B 83 17.49 10.77 6.58
CA GLY B 83 17.27 11.95 7.40
C GLY B 83 15.97 12.67 7.10
N ILE B 84 15.01 11.97 6.48
CA ILE B 84 13.70 12.51 6.06
C ILE B 84 12.56 11.85 6.85
N SER B 85 11.56 12.66 7.30
CA SER B 85 10.36 12.17 7.99
C SER B 85 9.20 11.94 7.01
N PRO B 86 8.93 10.69 6.61
CA PRO B 86 7.92 10.47 5.57
C PRO B 86 6.54 10.20 6.15
N PHE B 87 5.55 10.10 5.28
CA PHE B 87 4.18 9.87 5.69
C PHE B 87 3.86 8.41 6.03
N HIS B 88 4.22 7.50 5.13
CA HIS B 88 3.80 6.11 5.25
C HIS B 88 4.74 5.31 6.13
N GLU B 89 4.19 4.28 6.77
CA GLU B 89 5.04 3.33 7.48
C GLU B 89 5.79 2.41 6.53
N HIS B 90 5.08 1.93 5.52
CA HIS B 90 5.63 1.05 4.51
C HIS B 90 4.74 1.14 3.28
N ALA B 91 5.14 0.46 2.22
CA ALA B 91 4.33 0.29 1.02
C ALA B 91 4.07 -1.19 0.96
N GLU B 92 2.81 -1.54 0.72
N GLU B 92 2.82 -1.60 0.79
CA GLU B 92 2.38 -2.91 0.71
CA GLU B 92 2.50 -3.03 0.83
C GLU B 92 1.89 -3.30 -0.66
C GLU B 92 1.68 -3.48 -0.36
N VAL B 93 2.14 -4.56 -0.97
CA VAL B 93 1.57 -5.10 -2.18
C VAL B 93 1.05 -6.50 -1.86
N VAL B 94 -0.25 -6.69 -1.96
CA VAL B 94 -0.89 -7.94 -1.55
C VAL B 94 -1.58 -8.55 -2.77
N PHE B 95 -1.26 -9.80 -3.09
CA PHE B 95 -1.73 -10.43 -4.33
C PHE B 95 -1.74 -11.94 -4.21
N THR B 96 -2.64 -12.56 -4.94
CA THR B 96 -2.61 -14.01 -5.13
C THR B 96 -1.60 -14.35 -6.21
N ALA B 97 -0.73 -15.32 -5.92
CA ALA B 97 0.30 -15.74 -6.88
C ALA B 97 0.12 -17.19 -7.28
N ASN B 98 0.50 -17.46 -8.52
CA ASN B 98 0.65 -18.81 -9.05
C ASN B 98 -0.63 -19.62 -9.08
N ASP B 99 -1.79 -18.96 -9.10
CA ASP B 99 -3.04 -19.72 -9.02
C ASP B 99 -3.41 -20.42 -10.33
N SER B 100 -2.74 -20.07 -11.42
CA SER B 100 -2.91 -20.74 -12.70
C SER B 100 -1.57 -21.35 -13.13
N GLY B 101 -0.78 -21.75 -12.14
CA GLY B 101 0.53 -22.30 -12.40
C GLY B 101 1.59 -21.23 -12.18
N PRO B 102 2.86 -21.65 -12.25
CA PRO B 102 3.96 -20.74 -11.93
C PRO B 102 4.01 -19.54 -12.86
N ARG B 103 4.21 -18.37 -12.26
CA ARG B 103 4.50 -17.15 -13.02
C ARG B 103 5.71 -16.49 -12.39
N ARG B 104 6.32 -15.58 -13.15
CA ARG B 104 7.37 -14.72 -12.63
C ARG B 104 6.80 -13.33 -12.39
N TYR B 105 7.06 -12.82 -11.19
CA TYR B 105 6.52 -11.56 -10.72
C TYR B 105 7.62 -10.56 -10.47
N THR B 106 7.50 -9.38 -11.07
CA THR B 106 8.31 -8.22 -10.69
C THR B 106 7.39 -7.22 -10.04
N ILE B 107 7.70 -6.85 -8.80
CA ILE B 107 6.95 -5.85 -8.06
C ILE B 107 7.83 -4.60 -8.03
N ALA B 108 7.36 -3.52 -8.63
CA ALA B 108 8.11 -2.29 -8.71
C ALA B 108 7.43 -1.23 -7.87
N ALA B 109 8.22 -0.37 -7.23
CA ALA B 109 7.68 0.74 -6.45
C ALA B 109 8.51 1.99 -6.69
N LEU B 110 7.81 3.13 -6.72
CA LEU B 110 8.43 4.44 -6.88
C LEU B 110 8.08 5.26 -5.64
N LEU B 111 9.09 5.75 -4.91
CA LEU B 111 8.88 6.34 -3.61
C LEU B 111 9.08 7.85 -3.60
N SER B 112 8.15 8.53 -2.93
CA SER B 112 8.29 9.93 -2.55
C SER B 112 7.91 10.05 -1.07
N PRO B 113 8.26 11.16 -0.42
CA PRO B 113 8.00 11.20 1.03
C PRO B 113 6.53 11.05 1.43
N TYR B 114 5.60 11.55 0.62
CA TYR B 114 4.18 11.49 0.92
C TYR B 114 3.38 10.66 -0.10
N SER B 115 4.06 9.88 -0.93
N SER B 115 4.06 9.91 -0.96
N SER B 115 4.06 9.91 -0.96
CA SER B 115 3.38 9.12 -1.97
CA SER B 115 3.36 9.13 -1.99
CA SER B 115 3.39 9.14 -2.00
C SER B 115 4.18 7.89 -2.34
C SER B 115 4.18 7.97 -2.47
C SER B 115 4.19 7.90 -2.36
N TYR B 116 3.51 6.92 -2.91
CA TYR B 116 4.19 5.85 -3.63
C TYR B 116 3.28 5.31 -4.72
N SER B 117 3.92 4.77 -5.74
CA SER B 117 3.24 4.05 -6.81
C SER B 117 3.85 2.67 -6.89
N THR B 118 3.03 1.69 -7.22
CA THR B 118 3.50 0.34 -7.39
C THR B 118 2.84 -0.30 -8.58
N THR B 119 3.59 -1.15 -9.29
CA THR B 119 3.04 -1.92 -10.39
C THR B 119 3.63 -3.32 -10.34
N ALA B 120 2.95 -4.22 -11.03
CA ALA B 120 3.40 -5.59 -11.18
C ALA B 120 3.56 -5.92 -12.65
N VAL B 121 4.65 -6.63 -12.94
CA VAL B 121 4.84 -7.25 -14.26
C VAL B 121 4.83 -8.75 -14.01
N VAL B 122 3.91 -9.43 -14.69
CA VAL B 122 3.71 -10.87 -14.52
C VAL B 122 3.96 -11.53 -15.85
N THR B 123 4.89 -12.48 -15.88
CA THR B 123 5.20 -13.17 -17.10
C THR B 123 5.11 -14.67 -16.89
N ASN B 124 4.83 -15.37 -17.98
CA ASN B 124 4.73 -16.81 -17.97
C ASN B 124 5.98 -17.43 -18.58
N PRO B 125 6.73 -18.21 -17.79
CA PRO B 125 7.93 -18.85 -18.33
C PRO B 125 7.61 -20.08 -19.19
C13 8PF C . -4.79 11.74 -7.72
C16 8PF C . -3.27 11.65 -7.81
C19 8PF C . -2.71 10.26 -8.00
C10 8PF C . -5.19 12.95 -6.94
C22 8PF C . -2.67 9.50 -6.69
F01 8PF C . -6.96 13.71 -8.24
C02 8PF C . -6.67 13.26 -7.01
F03 8PF C . -7.37 12.15 -6.74
C04 8PF C . -7.03 14.28 -5.96
F05 8PF C . -6.16 15.28 -6.00
F06 8PF C . -7.05 13.67 -4.77
C07 8PF C . -8.40 14.88 -6.19
O08 8PF C . -9.12 14.51 -7.16
O09 8PF C . -8.80 15.77 -5.40
F11 8PF C . -4.84 12.77 -5.66
F12 8PF C . -4.53 13.97 -7.49
F14 8PF C . -5.27 11.93 -8.96
F15 8PF C . -5.38 10.66 -7.15
F17 8PF C . -2.61 12.20 -6.78
F18 8PF C . -2.91 12.34 -8.91
F20 8PF C . -1.46 10.38 -8.48
F21 8PF C . -3.48 9.62 -8.89
F23 8PF C . -2.81 8.19 -6.92
F24 8PF C . -3.65 9.92 -5.86
F25 8PF C . -1.47 9.67 -6.12
C13 8PF D . 8.56 2.34 -13.24
C16 8PF D . 7.67 2.93 -12.15
C19 8PF D . 6.35 3.37 -12.75
C10 8PF D . 9.19 1.01 -12.86
C22 8PF D . 6.47 4.71 -13.46
F01 8PF D . 9.82 0.23 -14.96
C02 8PF D . 10.32 0.74 -13.83
F03 8PF D . 10.99 1.87 -14.10
C04 8PF D . 11.31 -0.23 -13.23
F05 8PF D . 10.71 -1.38 -12.91
F06 8PF D . 11.82 0.32 -12.12
C07 8PF D . 12.43 -0.46 -14.23
O08 8PF D . 12.53 -1.58 -14.80
O09 8PF D . 13.24 0.46 -14.51
F11 8PF D . 9.68 1.11 -11.62
F12 8PF D . 8.27 0.04 -12.97
F14 8PF D . 7.93 2.20 -14.42
F15 8PF D . 9.56 3.19 -13.41
F17 8PF D . 8.29 4.01 -11.63
F18 8PF D . 7.38 2.07 -11.15
F20 8PF D . 5.41 3.44 -11.79
F21 8PF D . 6.03 2.39 -13.60
F23 8PF D . 7.37 4.61 -14.44
F24 8PF D . 6.84 5.68 -12.61
F25 8PF D . 5.30 5.04 -14.00
NA NA E . -5.81 -22.68 -9.65
#